data_2CNO
#
_entry.id   2CNO
#
_cell.length_a   69.170
_cell.length_b   83.530
_cell.length_c   95.760
_cell.angle_alpha   90.00
_cell.angle_beta   90.00
_cell.angle_gamma   90.00
#
_symmetry.space_group_name_H-M   'I 2 2 2'
#
loop_
_entity.id
_entity.type
_entity.pdbx_description
1 polymer Caspase-3
2 polymer Caspase-3
3 polymer 'Aza-peptide epoxide'
4 water water
#
loop_
_entity_poly.entity_id
_entity_poly.type
_entity_poly.pdbx_seq_one_letter_code
_entity_poly.pdbx_strand_id
1 'polypeptide(L)'
;SGISLDNSYKMDYPEMGLCIIINNKNFHKSTGMTSRSGTDVDAANLRETFRNLKYEVRNKNDLTREEIVELMRDVSKEDH
SKRSSFVCVLLSHGEEGIIFGTNGPVDLKKITNFFRGDRCRSLTGKPKLFIIQACRGTELDCGIETD
;
A
2 'polypeptide(L)'
;ASGVDDDMACHKIPVEADFLYAYSTAPGYYSWRNSKDGSWFIQSLCAMLKQYADKLEFMHILTRVNRKVATEFESFSFDA
TFHAKKQIPCIVSMLTKELYFYH
;
B
3 'polypeptide(L)' (PHQ)EV(MY0)(PEA) C
#
loop_
_chem_comp.id
_chem_comp.type
_chem_comp.name
_chem_comp.formula
MY0 peptide-like '(2S)-4-[1-(carboxymethyl)hydrazinyl]-2-hydroxy-4-oxobutanoic acid' 'C6 H10 N2 O6'
PEA non-polymer 2-PHENYLETHYLAMINE 'C8 H12 N 1'
PHQ non-polymer 'benzyl chlorocarbonate' 'C8 H7 Cl O2'
#
# COMPACT_ATOMS: atom_id res chain seq x y z
N SER A 1 11.23 34.19 -13.84
CA SER A 1 10.16 34.28 -12.81
C SER A 1 10.76 34.43 -11.42
N GLY A 2 9.92 34.27 -10.39
CA GLY A 2 10.40 34.40 -9.03
C GLY A 2 11.13 33.16 -8.53
N ILE A 3 11.53 33.19 -7.26
CA ILE A 3 12.24 32.08 -6.65
C ILE A 3 11.47 30.76 -6.80
N SER A 4 12.16 29.74 -7.29
CA SER A 4 11.57 28.41 -7.49
C SER A 4 12.29 27.45 -6.53
N LEU A 5 11.54 26.78 -5.66
CA LEU A 5 12.15 25.89 -4.67
C LEU A 5 12.11 24.38 -4.94
N ASP A 6 11.06 23.90 -5.61
CA ASP A 6 10.94 22.48 -5.90
C ASP A 6 11.06 21.56 -4.67
N ASN A 7 10.27 21.85 -3.64
CA ASN A 7 10.31 21.03 -2.43
C ASN A 7 9.23 19.97 -2.46
N SER A 8 8.30 20.09 -3.41
CA SER A 8 7.22 19.11 -3.52
C SER A 8 7.13 18.57 -4.94
N TYR A 9 6.73 17.30 -5.06
CA TYR A 9 6.59 16.68 -6.37
C TYR A 9 5.57 17.43 -7.21
N LYS A 10 5.82 17.45 -8.52
CA LYS A 10 4.91 18.10 -9.46
C LYS A 10 3.73 17.15 -9.59
N MET A 11 2.57 17.57 -9.10
CA MET A 11 1.39 16.72 -9.14
C MET A 11 0.27 17.29 -10.00
N ASP A 12 0.62 18.18 -10.92
CA ASP A 12 -0.37 18.78 -11.80
C ASP A 12 -0.24 18.31 -13.24
N TYR A 13 0.28 17.10 -13.43
CA TYR A 13 0.37 16.54 -14.79
C TYR A 13 -1.08 16.32 -15.21
N PRO A 14 -1.34 16.08 -16.49
CA PRO A 14 -2.70 15.86 -16.96
C PRO A 14 -3.45 14.80 -16.16
N GLU A 15 -2.71 13.78 -15.71
CA GLU A 15 -3.29 12.68 -14.95
C GLU A 15 -2.55 12.45 -13.64
N MET A 16 -3.29 12.09 -12.59
CA MET A 16 -2.65 11.80 -11.30
C MET A 16 -1.86 10.50 -11.47
N GLY A 17 -2.43 9.57 -12.23
CA GLY A 17 -1.75 8.30 -12.48
C GLY A 17 -2.62 7.10 -12.20
N LEU A 18 -2.02 5.91 -12.30
CA LEU A 18 -2.75 4.67 -12.06
C LEU A 18 -2.70 4.24 -10.60
N CYS A 19 -3.76 3.57 -10.18
CA CYS A 19 -3.85 3.01 -8.85
C CYS A 19 -4.27 1.57 -9.08
N ILE A 20 -3.29 0.68 -9.05
CA ILE A 20 -3.53 -0.74 -9.27
C ILE A 20 -3.82 -1.43 -7.93
N ILE A 21 -5.01 -1.98 -7.79
CA ILE A 21 -5.37 -2.67 -6.56
C ILE A 21 -5.43 -4.17 -6.79
N ILE A 22 -4.53 -4.92 -6.15
CA ILE A 22 -4.54 -6.36 -6.30
C ILE A 22 -5.17 -6.93 -5.04
N ASN A 23 -6.39 -7.45 -5.19
CA ASN A 23 -7.16 -8.00 -4.10
C ASN A 23 -7.23 -9.53 -4.15
N ASN A 24 -6.44 -10.19 -3.32
CA ASN A 24 -6.44 -11.65 -3.27
C ASN A 24 -7.22 -12.14 -2.06
N LYS A 25 -8.39 -12.72 -2.32
CA LYS A 25 -9.26 -13.22 -1.27
C LYS A 25 -9.30 -14.74 -1.18
N ASN A 26 -9.33 -15.39 -2.33
CA ASN A 26 -9.39 -16.85 -2.39
C ASN A 26 -8.07 -17.40 -2.93
N PHE A 27 -7.50 -18.35 -2.18
CA PHE A 27 -6.23 -18.95 -2.58
C PHE A 27 -6.40 -20.41 -2.97
N HIS A 28 -5.51 -20.91 -3.81
CA HIS A 28 -5.58 -22.30 -4.25
C HIS A 28 -5.50 -23.23 -3.04
N LYS A 29 -6.38 -24.22 -3.02
CA LYS A 29 -6.44 -25.19 -1.93
C LYS A 29 -5.07 -25.77 -1.56
N SER A 30 -4.28 -26.12 -2.57
CA SER A 30 -2.96 -26.70 -2.34
C SER A 30 -2.02 -25.80 -1.55
N THR A 31 -2.33 -24.51 -1.47
CA THR A 31 -1.49 -23.58 -0.73
C THR A 31 -1.84 -23.66 0.75
N GLY A 32 -3.08 -24.06 1.04
CA GLY A 32 -3.51 -24.18 2.43
C GLY A 32 -3.79 -22.83 3.08
N MET A 33 -3.81 -21.78 2.28
CA MET A 33 -4.06 -20.43 2.81
C MET A 33 -5.58 -20.18 2.87
N THR A 34 -6.01 -19.61 3.99
CA THR A 34 -7.43 -19.33 4.19
C THR A 34 -7.89 -18.13 3.38
N SER A 35 -9.19 -18.04 3.14
CA SER A 35 -9.74 -16.92 2.40
C SER A 35 -9.67 -15.71 3.30
N ARG A 36 -9.41 -14.55 2.72
CA ARG A 36 -9.29 -13.31 3.49
C ARG A 36 -10.61 -12.53 3.52
N SER A 37 -11.52 -12.97 4.37
CA SER A 37 -12.82 -12.34 4.50
C SER A 37 -12.70 -10.86 4.88
N GLY A 38 -13.52 -10.03 4.25
CA GLY A 38 -13.50 -8.61 4.52
C GLY A 38 -12.59 -7.84 3.58
N THR A 39 -11.75 -8.53 2.82
CA THR A 39 -10.84 -7.85 1.91
C THR A 39 -11.58 -7.09 0.81
N ASP A 40 -12.77 -7.55 0.43
CA ASP A 40 -13.54 -6.86 -0.60
C ASP A 40 -13.94 -5.50 -0.05
N VAL A 41 -14.16 -5.42 1.26
CA VAL A 41 -14.52 -4.16 1.88
C VAL A 41 -13.34 -3.20 1.68
N ASP A 42 -12.12 -3.70 1.87
CA ASP A 42 -10.92 -2.89 1.67
C ASP A 42 -10.79 -2.45 0.22
N ALA A 43 -10.97 -3.40 -0.70
CA ALA A 43 -10.85 -3.11 -2.13
C ALA A 43 -11.79 -2.02 -2.59
N ALA A 44 -13.04 -2.08 -2.13
CA ALA A 44 -14.04 -1.08 -2.52
C ALA A 44 -13.74 0.28 -1.90
N ASN A 45 -13.29 0.28 -0.65
CA ASN A 45 -12.97 1.53 0.05
C ASN A 45 -11.83 2.23 -0.69
N LEU A 46 -10.82 1.45 -1.09
CA LEU A 46 -9.66 1.98 -1.80
C LEU A 46 -10.03 2.51 -3.19
N ARG A 47 -10.86 1.76 -3.90
CA ARG A 47 -11.27 2.16 -5.23
C ARG A 47 -11.94 3.54 -5.16
N GLU A 48 -12.85 3.70 -4.20
CA GLU A 48 -13.57 4.96 -4.03
C GLU A 48 -12.67 6.09 -3.54
N THR A 49 -11.83 5.79 -2.54
CA THR A 49 -10.91 6.78 -1.99
C THR A 49 -9.99 7.36 -3.05
N PHE A 50 -9.34 6.49 -3.82
CA PHE A 50 -8.43 6.96 -4.85
C PHE A 50 -9.14 7.54 -6.07
N ARG A 51 -10.39 7.14 -6.28
CA ARG A 51 -11.18 7.67 -7.38
C ARG A 51 -11.36 9.17 -7.08
N ASN A 52 -11.66 9.47 -5.82
CA ASN A 52 -11.86 10.86 -5.41
C ASN A 52 -10.57 11.68 -5.45
N LEU A 53 -9.43 10.99 -5.52
CA LEU A 53 -8.14 11.68 -5.60
C LEU A 53 -7.74 11.79 -7.08
N LYS A 54 -8.66 11.36 -7.95
CA LYS A 54 -8.50 11.42 -9.40
C LYS A 54 -7.53 10.42 -10.01
N TYR A 55 -7.34 9.28 -9.35
CA TYR A 55 -6.45 8.25 -9.88
C TYR A 55 -7.25 7.31 -10.78
N GLU A 56 -6.59 6.77 -11.80
CA GLU A 56 -7.23 5.82 -12.70
C GLU A 56 -7.08 4.48 -12.00
N VAL A 57 -8.13 4.09 -11.27
CA VAL A 57 -8.11 2.83 -10.51
C VAL A 57 -8.42 1.59 -11.33
N ARG A 58 -7.60 0.55 -11.12
CA ARG A 58 -7.78 -0.72 -11.79
C ARG A 58 -7.74 -1.78 -10.71
N ASN A 59 -8.87 -2.47 -10.52
CA ASN A 59 -8.96 -3.51 -9.51
C ASN A 59 -8.78 -4.89 -10.15
N LYS A 60 -7.94 -5.72 -9.54
CA LYS A 60 -7.69 -7.07 -10.04
C LYS A 60 -7.91 -8.01 -8.86
N ASN A 61 -8.62 -9.10 -9.09
CA ASN A 61 -8.92 -10.03 -8.00
C ASN A 61 -8.34 -11.43 -8.19
N ASP A 62 -7.94 -12.03 -7.07
CA ASP A 62 -7.38 -13.38 -7.04
C ASP A 62 -6.39 -13.68 -8.16
N LEU A 63 -5.24 -13.02 -8.11
CA LEU A 63 -4.21 -13.22 -9.13
C LEU A 63 -3.15 -14.20 -8.66
N THR A 64 -2.73 -15.08 -9.57
CA THR A 64 -1.69 -16.05 -9.26
C THR A 64 -0.38 -15.28 -9.20
N ARG A 65 0.68 -15.92 -8.73
CA ARG A 65 1.98 -15.28 -8.65
C ARG A 65 2.41 -14.85 -10.05
N GLU A 66 2.10 -15.68 -11.05
CA GLU A 66 2.45 -15.37 -12.44
C GLU A 66 1.70 -14.15 -12.98
N GLU A 67 0.42 -14.05 -12.65
CA GLU A 67 -0.39 -12.93 -13.12
C GLU A 67 0.04 -11.61 -12.44
N ILE A 68 0.45 -11.70 -11.19
CA ILE A 68 0.90 -10.50 -10.46
C ILE A 68 2.14 -9.95 -11.15
N VAL A 69 3.10 -10.82 -11.43
CA VAL A 69 4.34 -10.40 -12.09
C VAL A 69 4.08 -9.88 -13.50
N GLU A 70 3.20 -10.55 -14.24
CA GLU A 70 2.86 -10.14 -15.60
C GLU A 70 2.17 -8.78 -15.58
N LEU A 71 1.25 -8.60 -14.64
CA LEU A 71 0.53 -7.35 -14.51
C LEU A 71 1.49 -6.18 -14.26
N MET A 72 2.33 -6.33 -13.24
CA MET A 72 3.30 -5.29 -12.90
C MET A 72 4.26 -5.00 -14.05
N ARG A 73 4.70 -6.04 -14.74
CA ARG A 73 5.60 -5.87 -15.86
C ARG A 73 4.91 -5.05 -16.96
N ASP A 74 3.68 -5.43 -17.29
CA ASP A 74 2.92 -4.74 -18.32
C ASP A 74 2.63 -3.28 -17.93
N VAL A 75 2.28 -3.06 -16.68
CA VAL A 75 1.99 -1.70 -16.21
C VAL A 75 3.24 -0.81 -16.26
N SER A 76 4.38 -1.38 -15.88
CA SER A 76 5.63 -0.63 -15.88
C SER A 76 6.09 -0.29 -17.29
N LYS A 77 5.55 -1.00 -18.28
CA LYS A 77 5.92 -0.77 -19.68
C LYS A 77 4.98 0.23 -20.36
N GLU A 78 3.96 0.69 -19.64
CA GLU A 78 3.03 1.67 -20.18
C GLU A 78 3.75 3.00 -20.21
N ASP A 79 3.21 3.95 -20.96
CA ASP A 79 3.79 5.28 -21.05
C ASP A 79 3.14 6.13 -19.97
N HIS A 80 3.89 6.41 -18.90
CA HIS A 80 3.38 7.20 -17.78
C HIS A 80 3.79 8.67 -17.90
N SER A 81 4.22 9.08 -19.09
CA SER A 81 4.66 10.46 -19.30
C SER A 81 3.70 11.53 -18.81
N LYS A 82 2.41 11.36 -19.10
CA LYS A 82 1.41 12.33 -18.68
C LYS A 82 0.82 12.09 -17.30
N ARG A 83 1.42 11.17 -16.55
CA ARG A 83 0.95 10.84 -15.21
C ARG A 83 1.88 11.38 -14.12
N SER A 84 1.29 11.94 -13.07
CA SER A 84 2.05 12.52 -11.96
C SER A 84 2.72 11.50 -11.05
N SER A 85 2.07 10.35 -10.87
CA SER A 85 2.61 9.34 -9.98
C SER A 85 2.08 7.94 -10.30
N PHE A 86 2.41 6.99 -9.45
CA PHE A 86 1.96 5.61 -9.58
C PHE A 86 1.64 5.06 -8.20
N VAL A 87 0.54 4.33 -8.10
CA VAL A 87 0.13 3.74 -6.85
C VAL A 87 -0.25 2.28 -7.06
N CYS A 88 0.23 1.41 -6.19
CA CYS A 88 -0.10 -0.01 -6.25
C CYS A 88 -0.47 -0.44 -4.86
N VAL A 89 -1.64 -1.06 -4.72
CA VAL A 89 -2.09 -1.55 -3.43
C VAL A 89 -2.15 -3.07 -3.47
N LEU A 90 -1.51 -3.69 -2.47
CA LEU A 90 -1.47 -5.14 -2.39
C LEU A 90 -2.19 -5.63 -1.14
N LEU A 91 -3.25 -6.41 -1.35
CA LEU A 91 -4.07 -6.96 -0.27
C LEU A 91 -3.97 -8.48 -0.35
N SER A 92 -3.25 -9.09 0.60
CA SER A 92 -3.10 -10.53 0.56
C SER A 92 -2.39 -11.09 1.79
N HIS A 93 -2.16 -12.39 1.79
CA HIS A 93 -1.43 -13.04 2.86
C HIS A 93 0.01 -12.68 2.54
N GLY A 94 0.91 -12.81 3.51
CA GLY A 94 2.30 -12.48 3.25
C GLY A 94 3.22 -12.77 4.41
N GLU A 95 4.51 -12.56 4.17
CA GLU A 95 5.56 -12.74 5.16
C GLU A 95 6.50 -11.58 4.92
N GLU A 96 7.56 -11.47 5.72
CA GLU A 96 8.50 -10.37 5.54
C GLU A 96 9.06 -10.38 4.12
N GLY A 97 8.88 -9.27 3.42
CA GLY A 97 9.39 -9.13 2.06
C GLY A 97 8.63 -9.93 1.00
N ILE A 98 7.51 -10.52 1.39
CA ILE A 98 6.73 -11.34 0.46
C ILE A 98 5.24 -11.04 0.44
N ILE A 99 4.64 -11.19 -0.75
CA ILE A 99 3.21 -11.01 -0.93
C ILE A 99 2.78 -12.27 -1.66
N PHE A 100 1.65 -12.84 -1.25
CA PHE A 100 1.18 -14.07 -1.86
C PHE A 100 0.21 -13.98 -3.00
N GLY A 101 0.54 -14.68 -4.08
CA GLY A 101 -0.36 -14.75 -5.22
C GLY A 101 -1.27 -15.86 -4.75
N THR A 102 -2.31 -16.18 -5.51
CA THR A 102 -3.23 -17.24 -5.10
C THR A 102 -2.60 -18.63 -5.08
N ASN A 103 -1.52 -18.82 -5.82
CA ASN A 103 -0.86 -20.12 -5.92
C ASN A 103 0.57 -20.15 -5.39
N GLY A 104 1.01 -19.05 -4.77
CA GLY A 104 2.38 -19.03 -4.27
C GLY A 104 2.87 -17.63 -3.98
N PRO A 105 4.07 -17.50 -3.42
CA PRO A 105 4.65 -16.20 -3.08
C PRO A 105 5.31 -15.43 -4.21
N VAL A 106 5.39 -14.11 -4.01
CA VAL A 106 6.03 -13.20 -4.93
C VAL A 106 6.88 -12.28 -4.07
N ASP A 107 8.17 -12.18 -4.38
CA ASP A 107 9.04 -11.29 -3.63
C ASP A 107 8.62 -9.86 -3.95
N LEU A 108 8.43 -9.03 -2.93
CA LEU A 108 8.04 -7.66 -3.15
C LEU A 108 9.09 -6.94 -4.00
N LYS A 109 10.34 -7.29 -3.80
CA LYS A 109 11.44 -6.67 -4.56
C LYS A 109 11.26 -6.90 -6.06
N LYS A 110 10.75 -8.07 -6.43
CA LYS A 110 10.53 -8.38 -7.84
C LYS A 110 9.46 -7.48 -8.42
N ILE A 111 8.42 -7.23 -7.63
CA ILE A 111 7.33 -6.36 -8.07
C ILE A 111 7.77 -4.91 -8.23
N THR A 112 8.45 -4.38 -7.22
CA THR A 112 8.91 -2.99 -7.25
C THR A 112 10.05 -2.72 -8.22
N ASN A 113 10.89 -3.72 -8.50
CA ASN A 113 12.00 -3.53 -9.42
C ASN A 113 11.56 -3.06 -10.81
N PHE A 114 10.38 -3.49 -11.24
CA PHE A 114 9.86 -3.09 -12.55
C PHE A 114 9.76 -1.57 -12.67
N PHE A 115 9.59 -0.90 -11.54
CA PHE A 115 9.42 0.54 -11.51
C PHE A 115 10.68 1.34 -11.14
N ARG A 116 11.82 0.66 -11.08
CA ARG A 116 13.08 1.32 -10.77
C ARG A 116 13.29 2.51 -11.70
N GLY A 117 13.97 3.54 -11.20
CA GLY A 117 14.22 4.73 -11.99
C GLY A 117 14.81 4.46 -13.36
N ASP A 118 15.57 3.38 -13.49
CA ASP A 118 16.19 3.04 -14.76
C ASP A 118 15.38 2.06 -15.61
N ARG A 119 14.34 1.46 -15.02
CA ARG A 119 13.53 0.50 -15.75
C ARG A 119 12.16 1.02 -16.22
N CYS A 120 11.70 2.10 -15.61
CA CYS A 120 10.44 2.72 -16.01
C CYS A 120 10.75 4.21 -16.10
N ARG A 121 11.31 4.62 -17.23
CA ARG A 121 11.72 6.00 -17.44
C ARG A 121 10.61 7.04 -17.38
N SER A 122 9.38 6.67 -17.74
CA SER A 122 8.28 7.63 -17.69
C SER A 122 7.81 7.89 -16.26
N LEU A 123 8.43 7.20 -15.29
CA LEU A 123 8.09 7.42 -13.89
C LEU A 123 9.32 7.90 -13.12
N THR A 124 10.46 8.02 -13.81
CA THR A 124 11.68 8.50 -13.17
C THR A 124 11.41 9.89 -12.57
N GLY A 125 11.83 10.10 -11.33
CA GLY A 125 11.61 11.39 -10.69
C GLY A 125 10.21 11.59 -10.15
N LYS A 126 9.34 10.61 -10.35
CA LYS A 126 7.96 10.69 -9.89
C LYS A 126 7.72 9.71 -8.74
N PRO A 127 6.81 10.07 -7.81
CA PRO A 127 6.52 9.20 -6.66
C PRO A 127 5.84 7.89 -7.04
N LYS A 128 6.40 6.80 -6.53
CA LYS A 128 5.88 5.46 -6.77
C LYS A 128 5.49 4.93 -5.39
N LEU A 129 4.19 4.81 -5.18
CA LEU A 129 3.66 4.39 -3.90
C LEU A 129 3.12 2.96 -3.84
N PHE A 130 3.64 2.18 -2.90
CA PHE A 130 3.20 0.82 -2.71
C PHE A 130 2.59 0.70 -1.32
N ILE A 131 1.30 0.38 -1.29
CA ILE A 131 0.54 0.23 -0.06
C ILE A 131 0.36 -1.27 0.15
N ILE A 132 0.89 -1.76 1.26
CA ILE A 132 0.87 -3.19 1.52
C ILE A 132 0.13 -3.68 2.77
N GLN A 133 -1.01 -4.31 2.54
CA GLN A 133 -1.83 -4.89 3.61
C GLN A 133 -1.55 -6.39 3.56
N ALA A 134 -0.63 -6.84 4.42
CA ALA A 134 -0.25 -8.24 4.49
C ALA A 134 0.71 -8.45 5.66
N CYS A 135 0.75 -9.67 6.18
CA CYS A 135 1.64 -10.00 7.30
C CYS A 135 3.09 -9.82 6.87
N ARG A 136 3.95 -9.52 7.84
CA ARG A 136 5.38 -9.37 7.60
C ARG A 136 6.08 -10.31 8.58
N GLY A 137 5.30 -11.25 9.11
CA GLY A 137 5.82 -12.20 10.07
C GLY A 137 4.72 -12.70 10.98
N THR A 138 5.11 -13.34 12.08
CA THR A 138 4.13 -13.88 13.04
C THR A 138 4.17 -13.24 14.41
N GLU A 139 4.98 -12.21 14.59
CA GLU A 139 5.04 -11.57 15.91
C GLU A 139 3.74 -10.85 16.23
N LEU A 140 3.41 -10.81 17.52
CA LEU A 140 2.20 -10.15 18.00
C LEU A 140 2.60 -9.07 18.99
N ASP A 141 1.98 -7.90 18.88
CA ASP A 141 2.27 -6.78 19.76
C ASP A 141 1.30 -6.82 20.93
N CYS A 142 1.82 -7.11 22.13
CA CYS A 142 0.98 -7.19 23.33
C CYS A 142 0.51 -5.81 23.78
N GLY A 143 1.16 -4.77 23.29
CA GLY A 143 0.79 -3.41 23.66
C GLY A 143 1.10 -3.08 25.11
N ILE A 144 0.91 -1.82 25.47
CA ILE A 144 1.14 -1.36 26.83
C ILE A 144 0.10 -0.31 27.20
N GLU A 145 -0.49 -0.45 28.39
CA GLU A 145 -1.51 0.50 28.86
C GLU A 145 -0.93 1.91 28.93
N THR A 146 -1.77 2.89 28.62
CA THR A 146 -1.35 4.29 28.66
C THR A 146 -2.03 5.03 29.81
N ASP A 147 -1.74 6.23 30.00
N HIS B 11 24.19 14.42 -14.19
CA HIS B 11 23.39 14.20 -12.95
C HIS B 11 22.62 12.89 -12.99
N LYS B 12 22.67 12.15 -11.89
CA LYS B 12 21.96 10.89 -11.78
C LYS B 12 21.27 10.85 -10.43
N ILE B 13 20.26 9.98 -10.31
CA ILE B 13 19.54 9.80 -9.07
C ILE B 13 19.53 8.29 -8.84
N PRO B 14 19.39 7.86 -7.58
CA PRO B 14 19.36 6.42 -7.28
C PRO B 14 18.16 5.78 -7.94
N VAL B 15 18.31 4.54 -8.41
CA VAL B 15 17.20 3.84 -9.06
C VAL B 15 16.15 3.46 -8.01
N GLU B 16 16.53 3.52 -6.73
CA GLU B 16 15.61 3.19 -5.64
C GLU B 16 14.97 4.44 -5.07
N ALA B 17 15.31 5.60 -5.61
CA ALA B 17 14.74 6.85 -5.13
C ALA B 17 13.31 7.04 -5.60
N ASP B 18 12.55 7.82 -4.84
CA ASP B 18 11.16 8.15 -5.13
C ASP B 18 10.16 7.02 -4.96
N PHE B 19 10.45 6.14 -4.02
CA PHE B 19 9.59 5.02 -3.69
C PHE B 19 9.10 5.25 -2.26
N LEU B 20 7.84 4.94 -2.01
CA LEU B 20 7.27 5.05 -0.67
C LEU B 20 6.51 3.76 -0.43
N TYR B 21 6.85 3.05 0.65
CA TYR B 21 6.18 1.80 0.99
C TYR B 21 5.38 2.05 2.26
N ALA B 22 4.06 1.98 2.14
CA ALA B 22 3.20 2.19 3.30
C ALA B 22 2.77 0.80 3.78
N TYR B 23 3.54 0.25 4.73
CA TYR B 23 3.23 -1.07 5.26
C TYR B 23 2.17 -0.97 6.34
N SER B 24 1.30 -1.98 6.40
CA SER B 24 0.23 -2.02 7.39
C SER B 24 0.73 -2.34 8.78
N THR B 25 1.89 -2.98 8.85
CA THR B 25 2.44 -3.39 10.13
C THR B 25 3.97 -3.32 10.16
N ALA B 26 4.51 -3.35 11.37
CA ALA B 26 5.96 -3.29 11.57
C ALA B 26 6.66 -4.56 11.07
N PRO B 27 7.97 -4.46 10.76
CA PRO B 27 8.71 -5.63 10.28
C PRO B 27 8.58 -6.82 11.22
N GLY B 28 8.27 -7.98 10.67
CA GLY B 28 8.15 -9.18 11.48
C GLY B 28 6.82 -9.43 12.18
N TYR B 29 5.87 -8.51 12.08
CA TYR B 29 4.58 -8.68 12.76
C TYR B 29 3.39 -9.08 11.89
N TYR B 30 2.39 -9.66 12.55
CA TYR B 30 1.14 -10.05 11.88
C TYR B 30 0.46 -8.74 11.53
N SER B 31 -0.49 -8.79 10.61
CA SER B 31 -1.26 -7.61 10.23
C SER B 31 -2.71 -8.02 10.48
N TRP B 32 -3.44 -7.19 11.21
CA TRP B 32 -4.81 -7.50 11.55
C TRP B 32 -5.90 -7.07 10.57
N ARG B 33 -6.93 -7.91 10.48
CA ARG B 33 -8.05 -7.66 9.59
C ARG B 33 -9.37 -8.06 10.25
N ASN B 34 -10.37 -7.21 10.12
CA ASN B 34 -11.69 -7.51 10.68
C ASN B 34 -12.53 -8.05 9.53
N SER B 35 -12.97 -9.30 9.69
CA SER B 35 -13.76 -9.97 8.66
C SER B 35 -14.95 -9.17 8.14
N LYS B 36 -15.42 -8.19 8.93
CA LYS B 36 -16.57 -7.40 8.52
C LYS B 36 -16.27 -5.95 8.16
N ASP B 37 -15.30 -5.34 8.82
CA ASP B 37 -14.96 -3.94 8.56
C ASP B 37 -13.76 -3.75 7.65
N GLY B 38 -13.01 -4.82 7.42
CA GLY B 38 -11.82 -4.72 6.58
C GLY B 38 -10.60 -4.66 7.47
N SER B 39 -9.41 -4.56 6.88
CA SER B 39 -8.19 -4.50 7.66
C SER B 39 -8.10 -3.19 8.42
N TRP B 40 -7.49 -3.23 9.60
CA TRP B 40 -7.35 -2.02 10.41
C TRP B 40 -6.63 -0.92 9.63
N PHE B 41 -5.55 -1.30 8.95
CA PHE B 41 -4.75 -0.35 8.20
C PHE B 41 -5.48 0.31 7.04
N ILE B 42 -6.08 -0.50 6.17
CA ILE B 42 -6.79 0.05 5.04
C ILE B 42 -7.99 0.91 5.47
N GLN B 43 -8.72 0.49 6.50
CA GLN B 43 -9.85 1.28 6.99
C GLN B 43 -9.33 2.66 7.39
N SER B 44 -8.26 2.66 8.18
CA SER B 44 -7.66 3.89 8.67
C SER B 44 -7.06 4.74 7.56
N LEU B 45 -6.37 4.11 6.63
CA LEU B 45 -5.74 4.81 5.51
C LEU B 45 -6.79 5.56 4.69
N CYS B 46 -7.86 4.88 4.32
CA CYS B 46 -8.90 5.52 3.52
C CYS B 46 -9.58 6.65 4.28
N ALA B 47 -9.82 6.43 5.58
CA ALA B 47 -10.45 7.46 6.38
C ALA B 47 -9.59 8.72 6.44
N MET B 48 -8.29 8.55 6.65
CA MET B 48 -7.39 9.70 6.73
C MET B 48 -7.20 10.38 5.38
N LEU B 49 -7.19 9.61 4.29
CA LEU B 49 -7.05 10.21 2.97
C LEU B 49 -8.31 11.02 2.65
N LYS B 50 -9.47 10.44 2.95
CA LYS B 50 -10.73 11.15 2.70
C LYS B 50 -10.79 12.46 3.46
N GLN B 51 -10.32 12.44 4.71
CA GLN B 51 -10.36 13.62 5.56
C GLN B 51 -9.21 14.63 5.37
N TYR B 52 -8.02 14.15 5.02
CA TYR B 52 -6.87 15.05 4.91
C TYR B 52 -6.12 15.16 3.59
N ALA B 53 -6.51 14.41 2.57
CA ALA B 53 -5.80 14.46 1.28
C ALA B 53 -5.75 15.85 0.64
N ASP B 54 -6.75 16.68 0.94
CA ASP B 54 -6.77 18.02 0.37
C ASP B 54 -6.23 19.05 1.36
N LYS B 55 -5.60 18.56 2.43
CA LYS B 55 -5.08 19.45 3.46
C LYS B 55 -3.64 19.19 3.93
N LEU B 56 -3.26 17.91 4.01
CA LEU B 56 -1.93 17.57 4.51
C LEU B 56 -0.98 16.88 3.55
N GLU B 57 0.31 17.01 3.83
CA GLU B 57 1.36 16.37 3.04
C GLU B 57 1.22 14.88 3.35
N PHE B 58 1.50 14.03 2.37
CA PHE B 58 1.34 12.59 2.53
C PHE B 58 1.95 11.94 3.78
N MET B 59 3.18 12.28 4.12
CA MET B 59 3.81 11.68 5.30
C MET B 59 3.01 12.02 6.57
N HIS B 60 2.45 13.22 6.62
CA HIS B 60 1.67 13.63 7.78
C HIS B 60 0.33 12.89 7.80
N ILE B 61 -0.21 12.59 6.62
CA ILE B 61 -1.45 11.84 6.54
C ILE B 61 -1.16 10.44 7.08
N LEU B 62 -0.08 9.83 6.59
CA LEU B 62 0.29 8.49 7.04
C LEU B 62 0.59 8.43 8.52
N THR B 63 1.05 9.55 9.08
CA THR B 63 1.35 9.60 10.52
C THR B 63 0.04 9.53 11.30
N ARG B 64 -1.01 10.17 10.78
CA ARG B 64 -2.32 10.13 11.42
C ARG B 64 -2.83 8.68 11.34
N VAL B 65 -2.55 8.02 10.21
CA VAL B 65 -2.96 6.63 10.05
C VAL B 65 -2.28 5.77 11.10
N ASN B 66 -1.01 6.03 11.37
CA ASN B 66 -0.27 5.27 12.39
C ASN B 66 -0.96 5.43 13.76
N ARG B 67 -1.27 6.66 14.13
CA ARG B 67 -1.92 6.94 15.41
C ARG B 67 -3.31 6.33 15.50
N LYS B 68 -4.06 6.40 14.41
CA LYS B 68 -5.41 5.84 14.40
C LYS B 68 -5.40 4.33 14.62
N VAL B 69 -4.52 3.65 13.89
CA VAL B 69 -4.39 2.20 14.00
C VAL B 69 -3.87 1.82 15.38
N ALA B 70 -2.87 2.54 15.85
CA ALA B 70 -2.26 2.28 17.15
C ALA B 70 -3.19 2.46 18.35
N THR B 71 -4.07 3.45 18.27
CA THR B 71 -4.95 3.75 19.39
C THR B 71 -6.37 3.19 19.35
N GLU B 72 -6.96 3.15 18.15
CA GLU B 72 -8.34 2.71 18.01
C GLU B 72 -8.62 1.23 17.79
N PHE B 73 -7.59 0.44 17.57
CA PHE B 73 -7.78 -0.99 17.32
C PHE B 73 -7.07 -1.90 18.30
N GLU B 74 -7.71 -3.02 18.60
CA GLU B 74 -7.17 -4.04 19.48
C GLU B 74 -7.94 -5.33 19.18
N SER B 75 -7.23 -6.44 19.07
CA SER B 75 -7.87 -7.70 18.75
C SER B 75 -8.62 -8.32 19.92
N PHE B 76 -9.62 -9.12 19.59
CA PHE B 76 -10.41 -9.85 20.59
C PHE B 76 -10.43 -11.27 20.06
N SER B 77 -10.04 -12.22 20.89
CA SER B 77 -10.02 -13.61 20.46
C SER B 77 -10.28 -14.57 21.62
N PHE B 78 -10.89 -15.69 21.30
CA PHE B 78 -11.16 -16.72 22.31
C PHE B 78 -9.84 -17.43 22.59
N ASP B 79 -8.91 -17.26 21.66
CA ASP B 79 -7.57 -17.85 21.76
C ASP B 79 -6.68 -16.81 22.45
N ALA B 80 -6.29 -17.08 23.68
CA ALA B 80 -5.45 -16.16 24.44
C ALA B 80 -4.21 -15.68 23.68
N THR B 81 -3.67 -16.54 22.83
CA THR B 81 -2.48 -16.20 22.06
C THR B 81 -2.69 -14.98 21.15
N PHE B 82 -3.87 -14.88 20.56
CA PHE B 82 -4.17 -13.77 19.66
C PHE B 82 -5.11 -12.70 20.23
N HIS B 83 -5.34 -12.76 21.53
CA HIS B 83 -6.24 -11.80 22.18
C HIS B 83 -5.56 -10.54 22.71
N ALA B 84 -6.26 -9.42 22.58
CA ALA B 84 -5.80 -8.12 23.07
C ALA B 84 -4.47 -7.65 22.46
N LYS B 85 -4.29 -7.90 21.17
CA LYS B 85 -3.05 -7.50 20.51
C LYS B 85 -3.21 -6.16 19.81
N LYS B 86 -2.09 -5.48 19.59
CA LYS B 86 -2.09 -4.17 18.96
C LYS B 86 -1.30 -4.18 17.65
N GLN B 87 -1.34 -3.05 16.94
CA GLN B 87 -0.64 -2.95 15.67
C GLN B 87 -0.21 -1.54 15.36
N ILE B 88 1.00 -1.39 14.82
CA ILE B 88 1.48 -0.09 14.42
C ILE B 88 1.94 -0.21 12.97
N PRO B 89 1.39 0.65 12.08
CA PRO B 89 1.79 0.57 10.67
C PRO B 89 3.25 0.99 10.56
N CYS B 90 3.83 0.85 9.36
CA CYS B 90 5.23 1.19 9.15
C CYS B 90 5.42 1.97 7.85
N ILE B 91 5.78 3.25 7.99
CA ILE B 91 6.00 4.12 6.83
C ILE B 91 7.47 4.05 6.39
N VAL B 92 7.71 3.59 5.16
CA VAL B 92 9.06 3.49 4.64
C VAL B 92 9.23 4.41 3.44
N SER B 93 9.92 5.53 3.65
CA SER B 93 10.09 6.49 2.57
C SER B 93 11.47 6.69 1.99
N MET B 94 11.51 6.64 0.67
CA MET B 94 12.72 6.87 -0.12
C MET B 94 12.37 8.03 -1.05
N LEU B 95 11.33 8.78 -0.66
CA LEU B 95 10.89 9.93 -1.44
C LEU B 95 11.93 11.03 -1.30
N THR B 96 12.01 11.91 -2.29
CA THR B 96 12.97 13.00 -2.27
C THR B 96 12.30 14.36 -2.19
N LYS B 97 10.97 14.35 -2.16
CA LYS B 97 10.19 15.58 -2.08
C LYS B 97 8.90 15.36 -1.30
N GLU B 98 8.27 16.45 -0.89
CA GLU B 98 7.00 16.38 -0.19
C GLU B 98 5.95 16.03 -1.23
N LEU B 99 4.92 15.31 -0.80
CA LEU B 99 3.88 14.89 -1.73
C LEU B 99 2.48 15.33 -1.30
N TYR B 100 1.86 16.17 -2.11
CA TYR B 100 0.51 16.65 -1.86
C TYR B 100 -0.35 16.14 -3.02
N PHE B 101 -1.50 15.57 -2.71
CA PHE B 101 -2.38 15.05 -3.76
C PHE B 101 -3.08 16.16 -4.52
N TYR B 102 -3.09 17.36 -3.94
CA TYR B 102 -3.72 18.52 -4.57
C TYR B 102 -2.64 19.48 -5.09
N HIS B 103 -3.08 20.49 -5.83
CA HIS B 103 -2.15 21.49 -6.36
C HIS B 103 -2.86 22.85 -6.48
C1 PHQ C 1 -9.40 -12.45 13.60
O1 PHQ C 1 -9.77 -13.51 14.10
O2 PHQ C 1 -9.68 -11.18 14.03
C2 PHQ C 1 -10.51 -11.05 15.23
C3 PHQ C 1 -10.76 -9.59 15.64
C4 PHQ C 1 -11.58 -9.35 16.81
C5 PHQ C 1 -11.85 -8.00 17.27
C6 PHQ C 1 -11.30 -6.87 16.55
C7 PHQ C 1 -10.48 -7.10 15.37
C8 PHQ C 1 -10.20 -8.44 14.93
N GLU C 2 -8.76 -11.83 12.61
CA GLU C 2 -8.08 -12.53 11.54
C GLU C 2 -6.79 -11.81 11.18
N VAL C 3 -5.73 -12.58 10.99
CA VAL C 3 -4.43 -12.01 10.64
C VAL C 3 -4.07 -12.25 9.17
N MY0 C 4 -3.26 -11.48 8.54
N5 MY0 C 4 -2.59 -11.18 7.34
O MY0 C 4 0.36 -15.45 9.05
O4 MY0 C 4 -0.93 -11.66 5.82
O7 MY0 C 4 -5.04 -9.21 5.51
O8 MY0 C 4 -4.74 -11.42 5.51
O2 MY0 C 4 -0.49 -14.87 6.18
C3 MY0 C 4 -1.09 -13.14 7.73
C5 MY0 C 4 -3.08 -9.99 6.63
C MY0 C 4 0.87 -14.74 8.18
C4 MY0 C 4 -1.51 -11.95 6.87
C6 MY0 C 4 -4.34 -10.31 5.85
C2 MY0 C 4 0.07 -13.94 7.13
C1' PEA C 5 5.58 -16.15 8.99
C6' PEA C 5 6.66 -15.36 9.52
C5' PEA C 5 7.65 -15.96 10.35
C4' PEA C 5 7.58 -17.34 10.67
C3' PEA C 5 6.52 -18.13 10.15
C2' PEA C 5 5.53 -17.55 9.32
C2 PEA C 5 4.53 -15.52 8.11
C1 PEA C 5 3.24 -15.18 8.87
N PEA C 5 2.25 -14.56 8.03
#